data_5XGE
#
_entry.id   5XGE
#
_cell.length_a   134.881
_cell.length_b   134.881
_cell.length_c   211.224
_cell.angle_alpha   90.00
_cell.angle_beta   90.00
_cell.angle_gamma   120.00
#
_symmetry.space_group_name_H-M   'H 3 2'
#
loop_
_entity.id
_entity.type
_entity.pdbx_description
1 polymer 'Uncharacterized protein PA0861'
2 non-polymer "9,9'-[(2R,3R,3aS,5S,7aR,9R,10R,10aS,12S,14aR)-3,5,10,12-tetrahydroxy-5,12-dioxidooctahydro-2H,7H-difuro[3,2-d:3',2'-j][1,3,7,9,2,8]tetraoxadiphosphacyclododecine-2,9-diyl]bis(2-amino-1,9-dihydro-6H-purin-6-one)"
3 water water
#
_entity_poly.entity_id   1
_entity_poly.type   'polypeptide(L)'
_entity_poly.pdbx_seq_one_letter_code
;RQEVENALDAERERAQITLASIGDGVITADTQGGISYLNPAAEQMTNWTLDKARGLPLASLFRIVDESSREEGMLLIEQI
LSGEIDGGREHSKLVLRHDGSSVPVTLVGAPIHRGAEITGVVLVLHDMTRERQYMARLSWQATHDALTGLTNRREFEYRL
QIALERLERNSGRHALMFLDLDQFKLVNDTCGHAAGDELLRQVCTLLQQGLREGDTLARLGGDEFGILLENCPAEKAVEI
ADHLRKTIQDLHFTWSGQPFNCTVSVGLVHLLPGISTLEEALRSADMACYMAKEKGRNRVQVFHQDDVELSMRFGEMTWV
QRIHLALEEDRFSLYAQPIVPLGEGAEEGLHVELLLRLRDEGGRLVPPLSFIPAAERYGLMTLIDRWVVENAFRTLVERA
QDPRAEPIGTCAINLSGATIGDESFLQFLTELFARYRIPPQTICFEVTETVAVANLASAIRFINELKDTGCRFSLDDFCA
GMSSFIYLKHLPVDYLKIDGSFVKDMLEDPIDRAMVQVINHIGHVMGKRTIAEFVETVEVMEALREIGIDYAQGLAIGAP
LPFSRQPP
;
_entity_poly.pdbx_strand_id   A
#
# COMPACT_ATOMS: atom_id res chain seq x y z
N ASP A 9 22.09 -46.02 1.99
CA ASP A 9 20.97 -46.66 2.67
C ASP A 9 19.65 -46.47 1.91
N ALA A 10 18.62 -47.27 2.26
CA ALA A 10 17.28 -47.22 1.65
C ALA A 10 16.48 -45.97 2.09
N GLU A 11 17.06 -45.13 2.99
CA GLU A 11 16.47 -43.86 3.45
C GLU A 11 16.46 -42.84 2.29
N ARG A 12 17.22 -43.14 1.22
CA ARG A 12 17.33 -42.39 -0.03
C ARG A 12 15.97 -42.38 -0.73
N GLU A 13 15.22 -43.52 -0.66
CA GLU A 13 13.87 -43.69 -1.24
C GLU A 13 12.89 -42.68 -0.63
N ARG A 14 12.96 -42.49 0.71
CA ARG A 14 12.16 -41.55 1.49
C ARG A 14 12.44 -40.12 0.98
N ALA A 15 13.74 -39.77 0.91
CA ALA A 15 14.26 -38.47 0.44
C ALA A 15 13.91 -38.21 -1.02
N GLN A 16 14.03 -39.22 -1.90
CA GLN A 16 13.72 -39.14 -3.32
C GLN A 16 12.24 -38.84 -3.53
N ILE A 17 11.35 -39.52 -2.76
CA ILE A 17 9.89 -39.35 -2.80
C ILE A 17 9.52 -37.90 -2.43
N THR A 18 10.15 -37.37 -1.35
CA THR A 18 9.99 -36.03 -0.81
C THR A 18 10.32 -34.98 -1.87
N LEU A 19 11.50 -35.12 -2.52
CA LEU A 19 11.96 -34.21 -3.58
C LEU A 19 11.11 -34.34 -4.84
N ALA A 20 10.53 -35.54 -5.09
CA ALA A 20 9.64 -35.77 -6.23
C ALA A 20 8.28 -35.11 -5.98
N SER A 21 7.84 -35.08 -4.70
CA SER A 21 6.57 -34.47 -4.26
C SER A 21 6.59 -32.96 -4.45
N ILE A 22 7.78 -32.33 -4.27
CA ILE A 22 8.01 -30.89 -4.41
C ILE A 22 7.91 -30.45 -5.89
N GLY A 23 7.20 -29.35 -6.12
CA GLY A 23 6.94 -28.79 -7.43
C GLY A 23 8.14 -28.14 -8.11
N ASP A 24 9.00 -27.48 -7.31
CA ASP A 24 10.18 -26.77 -7.80
C ASP A 24 11.35 -27.65 -8.19
N GLY A 25 12.07 -27.22 -9.23
CA GLY A 25 13.27 -27.87 -9.75
C GLY A 25 14.40 -27.86 -8.75
N VAL A 26 14.97 -29.03 -8.48
CA VAL A 26 16.05 -29.19 -7.51
C VAL A 26 17.26 -29.82 -8.18
N ILE A 27 18.30 -29.00 -8.36
CA ILE A 27 19.57 -29.41 -8.95
C ILE A 27 20.61 -29.38 -7.83
N THR A 28 21.29 -30.49 -7.63
CA THR A 28 22.37 -30.65 -6.66
C THR A 28 23.62 -30.95 -7.48
N ALA A 29 24.62 -30.08 -7.38
CA ALA A 29 25.85 -30.22 -8.14
C ALA A 29 27.11 -30.19 -7.27
N ASP A 30 28.24 -30.65 -7.84
CA ASP A 30 29.52 -30.64 -7.15
C ASP A 30 30.08 -29.22 -7.22
N THR A 31 31.01 -28.89 -6.31
CA THR A 31 31.69 -27.59 -6.21
C THR A 31 32.22 -27.06 -7.57
N GLN A 32 32.67 -27.97 -8.48
CA GLN A 32 33.19 -27.64 -9.80
C GLN A 32 32.09 -27.56 -10.89
N GLY A 33 31.28 -28.61 -11.05
CA GLY A 33 30.23 -28.61 -12.05
C GLY A 33 29.24 -29.76 -12.01
N GLY A 34 29.76 -30.98 -12.19
CA GLY A 34 29.06 -32.26 -12.23
C GLY A 34 27.79 -32.39 -11.41
N ILE A 35 26.78 -33.04 -11.98
CA ILE A 35 25.46 -33.19 -11.35
C ILE A 35 25.42 -34.38 -10.40
N SER A 36 24.91 -34.17 -9.16
CA SER A 36 24.75 -35.17 -8.11
C SER A 36 23.30 -35.71 -8.09
N TYR A 37 22.31 -34.79 -8.10
CA TYR A 37 20.88 -35.14 -8.08
C TYR A 37 20.06 -34.18 -8.94
N LEU A 38 18.90 -34.66 -9.42
CA LEU A 38 17.91 -33.93 -10.21
C LEU A 38 16.54 -34.53 -9.88
N ASN A 39 15.64 -33.72 -9.28
CA ASN A 39 14.28 -34.20 -9.00
C ASN A 39 13.51 -34.25 -10.34
N PRO A 40 12.40 -35.04 -10.48
CA PRO A 40 11.71 -35.10 -11.78
C PRO A 40 11.31 -33.73 -12.34
N ALA A 41 10.97 -32.77 -11.45
CA ALA A 41 10.63 -31.40 -11.83
C ALA A 41 11.81 -30.65 -12.48
N ALA A 42 13.06 -30.89 -11.99
CA ALA A 42 14.29 -30.32 -12.53
C ALA A 42 14.68 -31.05 -13.81
N GLU A 43 14.49 -32.40 -13.83
CA GLU A 43 14.75 -33.29 -14.99
C GLU A 43 13.94 -32.83 -16.20
N GLN A 44 12.67 -32.44 -15.95
CA GLN A 44 11.70 -31.95 -16.94
C GLN A 44 12.13 -30.59 -17.46
N MET A 45 12.51 -29.68 -16.53
CA MET A 45 12.93 -28.31 -16.75
C MET A 45 14.19 -28.22 -17.60
N THR A 46 15.18 -29.11 -17.32
CA THR A 46 16.51 -29.16 -17.95
C THR A 46 16.61 -30.05 -19.20
N ASN A 47 15.55 -30.86 -19.49
CA ASN A 47 15.48 -31.79 -20.63
C ASN A 47 16.61 -32.84 -20.55
N TRP A 48 16.82 -33.38 -19.33
CA TRP A 48 17.86 -34.38 -19.03
C TRP A 48 17.48 -35.28 -17.87
N THR A 49 17.55 -36.60 -18.09
CA THR A 49 17.30 -37.59 -17.04
C THR A 49 18.57 -37.68 -16.19
N LEU A 50 18.44 -37.94 -14.88
CA LEU A 50 19.59 -38.10 -13.97
C LEU A 50 20.40 -39.35 -14.34
N ASP A 51 19.73 -40.35 -14.96
CA ASP A 51 20.30 -41.60 -15.45
C ASP A 51 21.43 -41.30 -16.46
N LYS A 52 21.18 -40.33 -17.35
CA LYS A 52 22.09 -39.94 -18.43
C LYS A 52 22.80 -38.58 -18.21
N ALA A 53 22.56 -37.89 -17.07
CA ALA A 53 23.17 -36.60 -16.74
C ALA A 53 24.08 -36.57 -15.48
N ARG A 54 24.18 -37.70 -14.72
CA ARG A 54 24.97 -37.76 -13.48
C ARG A 54 26.48 -37.70 -13.71
N GLY A 55 27.11 -36.75 -13.03
CA GLY A 55 28.55 -36.53 -13.11
C GLY A 55 28.99 -35.58 -14.19
N LEU A 56 28.14 -35.38 -15.22
CA LEU A 56 28.43 -34.48 -16.33
C LEU A 56 28.31 -33.04 -15.85
N PRO A 57 29.22 -32.13 -16.25
CA PRO A 57 29.16 -30.75 -15.71
C PRO A 57 27.88 -30.01 -16.10
N LEU A 58 27.34 -29.24 -15.14
CA LEU A 58 26.13 -28.42 -15.26
C LEU A 58 26.14 -27.58 -16.55
N ALA A 59 27.22 -26.77 -16.75
CA ALA A 59 27.43 -25.86 -17.88
C ALA A 59 27.56 -26.58 -19.24
N SER A 60 28.09 -27.81 -19.25
CA SER A 60 28.27 -28.59 -20.48
C SER A 60 27.08 -29.51 -20.79
N LEU A 61 25.86 -29.05 -20.43
CA LEU A 61 24.57 -29.72 -20.67
C LEU A 61 23.59 -28.63 -21.13
N PHE A 62 23.06 -27.85 -20.16
CA PHE A 62 22.13 -26.72 -20.29
C PHE A 62 22.83 -25.46 -19.74
N ARG A 63 22.16 -24.30 -19.77
CA ARG A 63 22.79 -23.09 -19.23
C ARG A 63 21.82 -22.16 -18.47
N ILE A 64 22.21 -21.73 -17.26
CA ILE A 64 21.46 -20.81 -16.41
C ILE A 64 22.04 -19.41 -16.63
N VAL A 65 21.36 -18.57 -17.42
CA VAL A 65 21.83 -17.22 -17.79
C VAL A 65 20.73 -16.15 -17.71
N ASP A 66 21.08 -14.89 -18.09
CA ASP A 66 20.19 -13.72 -18.12
C ASP A 66 19.83 -13.32 -19.56
N LEU A 76 30.49 -19.88 -14.38
CA LEU A 76 29.87 -18.64 -14.83
C LEU A 76 28.98 -18.02 -13.73
N ILE A 77 27.99 -18.80 -13.24
CA ILE A 77 27.02 -18.41 -12.20
C ILE A 77 27.08 -19.42 -11.03
N GLU A 78 27.39 -20.68 -11.35
CA GLU A 78 27.49 -21.83 -10.45
C GLU A 78 28.69 -21.78 -9.47
N GLN A 79 29.08 -20.58 -8.98
CA GLN A 79 30.20 -20.39 -8.05
C GLN A 79 29.98 -19.27 -7.02
N ILE A 80 29.18 -18.24 -7.38
CA ILE A 80 28.89 -17.10 -6.50
C ILE A 80 28.02 -17.50 -5.29
N LEU A 81 27.36 -18.68 -5.37
CA LEU A 81 26.53 -19.23 -4.29
C LEU A 81 27.42 -19.56 -3.09
N SER A 82 28.55 -20.26 -3.35
CA SER A 82 29.54 -20.63 -2.34
C SER A 82 30.37 -19.41 -1.91
N GLY A 83 30.58 -18.48 -2.85
CA GLY A 83 31.31 -17.24 -2.62
C GLY A 83 30.48 -16.23 -1.85
N GLU A 84 29.80 -15.33 -2.59
CA GLU A 84 28.95 -14.28 -2.00
C GLU A 84 27.86 -13.82 -2.96
N ILE A 85 26.59 -14.21 -2.66
CA ILE A 85 25.35 -13.87 -3.39
C ILE A 85 24.11 -14.48 -2.67
N ASP A 86 22.92 -13.87 -2.91
CA ASP A 86 21.57 -14.22 -2.39
C ASP A 86 21.52 -14.52 -0.86
N GLY A 87 21.48 -15.80 -0.50
CA GLY A 87 21.36 -16.26 0.88
C GLY A 87 19.91 -16.25 1.32
N GLY A 88 19.00 -16.39 0.34
CA GLY A 88 17.56 -16.41 0.57
C GLY A 88 16.73 -15.68 -0.47
N ARG A 89 17.30 -14.62 -1.08
CA ARG A 89 16.61 -13.80 -2.09
C ARG A 89 16.60 -14.44 -3.49
N GLU A 90 15.40 -14.52 -4.10
CA GLU A 90 15.17 -15.09 -5.43
C GLU A 90 15.74 -14.18 -6.51
N HIS A 91 16.34 -14.77 -7.55
CA HIS A 91 16.91 -14.02 -8.66
C HIS A 91 16.44 -14.56 -9.99
N SER A 92 15.91 -13.68 -10.86
CA SER A 92 15.39 -14.08 -12.17
C SER A 92 16.51 -14.55 -13.09
N LYS A 93 16.32 -15.76 -13.63
CA LYS A 93 17.26 -16.42 -14.54
C LYS A 93 16.48 -17.16 -15.63
N LEU A 94 17.20 -17.70 -16.63
CA LEU A 94 16.64 -18.44 -17.75
C LEU A 94 17.44 -19.73 -17.95
N VAL A 95 16.74 -20.86 -18.09
CA VAL A 95 17.41 -22.12 -18.34
C VAL A 95 17.39 -22.31 -19.84
N LEU A 96 18.52 -22.05 -20.50
CA LEU A 96 18.68 -22.25 -21.94
C LEU A 96 18.90 -23.74 -22.15
N ARG A 97 17.83 -24.44 -22.58
CA ARG A 97 17.75 -25.90 -22.75
C ARG A 97 18.85 -26.51 -23.63
N HIS A 98 19.47 -25.70 -24.54
CA HIS A 98 20.54 -26.03 -25.51
C HIS A 98 19.96 -26.66 -26.80
N ASP A 99 18.63 -26.84 -26.82
CA ASP A 99 17.86 -27.36 -27.94
C ASP A 99 16.55 -26.56 -28.13
N GLY A 100 15.67 -26.62 -27.13
CA GLY A 100 14.38 -25.94 -27.11
C GLY A 100 14.34 -24.70 -26.26
N SER A 101 15.25 -23.75 -26.55
CA SER A 101 15.43 -22.42 -25.94
C SER A 101 15.22 -22.33 -24.39
N SER A 102 14.79 -21.14 -23.89
CA SER A 102 14.65 -20.81 -22.47
C SER A 102 13.40 -21.30 -21.75
N VAL A 103 13.51 -21.36 -20.40
CA VAL A 103 12.50 -21.69 -19.39
C VAL A 103 12.68 -20.59 -18.31
N PRO A 104 11.75 -19.63 -18.12
CA PRO A 104 11.99 -18.58 -17.14
C PRO A 104 11.86 -19.04 -15.69
N VAL A 105 12.91 -18.80 -14.91
CA VAL A 105 12.98 -19.26 -13.52
C VAL A 105 13.43 -18.18 -12.55
N THR A 106 13.15 -18.41 -11.25
CA THR A 106 13.58 -17.57 -10.14
C THR A 106 14.43 -18.48 -9.26
N LEU A 107 15.75 -18.24 -9.27
CA LEU A 107 16.78 -19.04 -8.60
C LEU A 107 17.00 -18.73 -7.13
N VAL A 108 17.35 -19.78 -6.37
CA VAL A 108 17.70 -19.76 -4.94
C VAL A 108 18.88 -20.75 -4.82
N GLY A 109 20.04 -20.21 -4.53
CA GLY A 109 21.25 -21.00 -4.38
C GLY A 109 21.70 -21.08 -2.94
N ALA A 110 22.38 -22.18 -2.59
CA ALA A 110 22.87 -22.42 -1.24
C ALA A 110 24.05 -23.38 -1.28
N PRO A 111 25.15 -23.11 -0.54
CA PRO A 111 26.29 -24.02 -0.57
C PRO A 111 26.06 -25.25 0.31
N ILE A 112 26.47 -26.43 -0.20
CA ILE A 112 26.41 -27.69 0.53
C ILE A 112 27.73 -27.81 1.30
N HIS A 113 27.62 -27.98 2.62
CA HIS A 113 28.76 -28.03 3.53
C HIS A 113 29.02 -29.42 4.11
N ARG A 114 30.10 -29.50 4.90
CA ARG A 114 30.56 -30.61 5.72
C ARG A 114 31.26 -29.93 6.91
N GLY A 115 30.49 -29.05 7.57
CA GLY A 115 30.95 -28.24 8.68
C GLY A 115 31.50 -26.93 8.17
N ALA A 116 32.72 -26.99 7.59
CA ALA A 116 33.45 -25.87 6.99
C ALA A 116 33.73 -26.19 5.51
N GLU A 117 33.91 -27.49 5.20
CA GLU A 117 34.20 -28.05 3.87
C GLU A 117 33.02 -27.89 2.90
N ILE A 118 33.11 -26.92 1.97
CA ILE A 118 32.07 -26.64 0.96
C ILE A 118 32.19 -27.68 -0.17
N THR A 119 31.54 -28.84 0.04
CA THR A 119 31.56 -30.01 -0.84
C THR A 119 30.83 -29.82 -2.20
N GLY A 120 29.76 -29.02 -2.22
CA GLY A 120 29.01 -28.78 -3.45
C GLY A 120 28.13 -27.55 -3.43
N VAL A 121 26.99 -27.61 -4.15
CA VAL A 121 26.02 -26.51 -4.26
C VAL A 121 24.60 -27.03 -4.63
N VAL A 122 23.54 -26.42 -4.04
CA VAL A 122 22.14 -26.76 -4.27
C VAL A 122 21.37 -25.55 -4.88
N LEU A 123 20.54 -25.80 -5.90
CA LEU A 123 19.76 -24.76 -6.58
C LEU A 123 18.26 -25.11 -6.58
N VAL A 124 17.41 -24.12 -6.21
CA VAL A 124 15.95 -24.21 -6.14
C VAL A 124 15.34 -23.36 -7.27
N LEU A 125 14.91 -24.03 -8.35
CA LEU A 125 14.37 -23.37 -9.54
C LEU A 125 12.83 -23.38 -9.62
N HIS A 126 12.22 -22.21 -9.84
CA HIS A 126 10.77 -22.10 -9.97
C HIS A 126 10.35 -21.61 -11.37
N ASP A 127 9.65 -22.48 -12.14
CA ASP A 127 9.13 -22.20 -13.48
C ASP A 127 8.05 -21.13 -13.43
N MET A 128 8.35 -19.92 -13.98
CA MET A 128 7.41 -18.79 -13.99
C MET A 128 6.20 -19.06 -14.86
N THR A 129 6.27 -20.06 -15.74
CA THR A 129 5.17 -20.49 -16.60
C THR A 129 4.08 -21.20 -15.75
N ARG A 130 4.50 -22.04 -14.76
CA ARG A 130 3.64 -22.79 -13.83
C ARG A 130 2.69 -21.92 -12.99
N GLU A 131 3.11 -20.67 -12.67
CA GLU A 131 2.36 -19.66 -11.89
C GLU A 131 0.91 -19.56 -12.36
N ARG A 132 0.73 -19.50 -13.68
CA ARG A 132 -0.52 -19.42 -14.39
C ARG A 132 -1.46 -20.57 -14.02
N GLN A 133 -0.89 -21.77 -13.74
CA GLN A 133 -1.64 -22.99 -13.41
C GLN A 133 -2.19 -23.06 -11.98
N TYR A 134 -1.54 -22.43 -10.98
CA TYR A 134 -1.97 -22.43 -9.57
C TYR A 134 -3.38 -21.84 -9.40
N MET A 135 -4.40 -22.72 -9.37
CA MET A 135 -5.80 -22.32 -9.30
C MET A 135 -6.31 -22.17 -7.88
N ALA A 136 -5.99 -23.13 -6.98
CA ALA A 136 -6.39 -23.09 -5.58
C ALA A 136 -5.83 -21.85 -4.90
N ARG A 137 -4.66 -21.39 -5.40
CA ARG A 137 -3.96 -20.19 -4.94
C ARG A 137 -4.64 -18.91 -5.44
N LEU A 138 -5.09 -18.91 -6.72
CA LEU A 138 -5.76 -17.77 -7.34
C LEU A 138 -7.11 -17.53 -6.69
N SER A 139 -7.85 -18.64 -6.46
CA SER A 139 -9.15 -18.67 -5.81
C SER A 139 -9.04 -18.09 -4.37
N TRP A 140 -7.92 -18.42 -3.63
CA TRP A 140 -7.61 -17.97 -2.27
C TRP A 140 -7.37 -16.48 -2.27
N GLN A 141 -6.40 -16.01 -3.05
CA GLN A 141 -6.03 -14.58 -3.11
C GLN A 141 -7.20 -13.67 -3.40
N ALA A 142 -8.18 -14.15 -4.19
CA ALA A 142 -9.35 -13.38 -4.55
C ALA A 142 -10.38 -13.34 -3.42
N THR A 143 -10.27 -14.25 -2.44
CA THR A 143 -11.18 -14.33 -1.28
C THR A 143 -10.48 -14.03 0.06
N HIS A 144 -9.18 -13.67 0.02
CA HIS A 144 -8.38 -13.41 1.23
C HIS A 144 -7.36 -12.29 1.04
N ASP A 145 -6.98 -11.62 2.15
CA ASP A 145 -5.96 -10.57 2.16
C ASP A 145 -4.59 -11.23 2.25
N ALA A 146 -3.73 -10.90 1.28
CA ALA A 146 -2.36 -11.40 1.11
C ALA A 146 -1.51 -11.28 2.35
N LEU A 147 -1.65 -10.17 3.11
CA LEU A 147 -0.83 -9.93 4.31
C LEU A 147 -1.30 -10.68 5.56
N THR A 148 -2.57 -10.51 5.91
CA THR A 148 -3.09 -11.08 7.12
C THR A 148 -3.52 -12.56 6.95
N GLY A 149 -4.01 -12.93 5.77
CA GLY A 149 -4.51 -14.27 5.47
C GLY A 149 -6.00 -14.40 5.77
N LEU A 150 -6.61 -13.33 6.34
CA LEU A 150 -8.03 -13.25 6.66
C LEU A 150 -8.79 -12.97 5.38
N THR A 151 -10.12 -13.15 5.37
CA THR A 151 -10.97 -12.87 4.21
C THR A 151 -10.91 -11.37 3.82
N ASN A 152 -10.97 -11.03 2.52
CA ASN A 152 -10.92 -9.63 2.06
C ASN A 152 -12.34 -9.02 1.97
N ARG A 153 -12.46 -7.74 1.52
CA ARG A 153 -13.77 -7.08 1.39
C ARG A 153 -14.69 -7.83 0.42
N ARG A 154 -14.10 -8.40 -0.67
CA ARG A 154 -14.79 -9.19 -1.71
C ARG A 154 -15.64 -10.26 -1.04
N GLU A 155 -14.95 -11.18 -0.32
CA GLU A 155 -15.52 -12.31 0.43
C GLU A 155 -16.39 -11.84 1.60
N PHE A 156 -15.94 -10.82 2.36
CA PHE A 156 -16.67 -10.30 3.52
C PHE A 156 -18.04 -9.74 3.15
N GLU A 157 -18.11 -8.86 2.13
CA GLU A 157 -19.38 -8.29 1.69
C GLU A 157 -20.31 -9.41 1.22
N TYR A 158 -19.75 -10.40 0.47
CA TYR A 158 -20.47 -11.58 -0.03
C TYR A 158 -21.06 -12.34 1.14
N ARG A 159 -20.23 -12.67 2.16
CA ARG A 159 -20.66 -13.34 3.39
C ARG A 159 -21.75 -12.54 4.11
N LEU A 160 -21.59 -11.19 4.20
CA LEU A 160 -22.60 -10.32 4.81
C LEU A 160 -23.92 -10.40 4.03
N GLN A 161 -23.86 -10.31 2.67
CA GLN A 161 -25.06 -10.40 1.83
C GLN A 161 -25.80 -11.69 2.02
N ILE A 162 -25.08 -12.83 2.10
CA ILE A 162 -25.65 -14.16 2.35
C ILE A 162 -26.39 -14.15 3.70
N ALA A 163 -25.77 -13.57 4.75
CA ALA A 163 -26.34 -13.44 6.08
C ALA A 163 -27.61 -12.59 6.13
N LEU A 164 -27.78 -11.67 5.16
CA LEU A 164 -28.94 -10.78 5.10
C LEU A 164 -30.11 -11.32 4.24
N GLU A 165 -29.87 -12.35 3.38
CA GLU A 165 -30.91 -12.87 2.49
C GLU A 165 -31.29 -14.34 2.72
N ARG A 166 -30.34 -15.17 3.23
CA ARG A 166 -30.47 -16.62 3.49
C ARG A 166 -31.80 -17.01 4.18
N LEU A 167 -32.35 -18.20 3.85
CA LEU A 167 -33.57 -18.70 4.47
C LEU A 167 -33.23 -19.58 5.67
N GLU A 168 -32.22 -20.47 5.52
CA GLU A 168 -31.72 -21.37 6.57
C GLU A 168 -30.74 -20.64 7.50
N ARG A 169 -30.66 -21.08 8.79
CA ARG A 169 -29.77 -20.51 9.83
C ARG A 169 -29.94 -18.96 9.97
N ASN A 170 -31.19 -18.45 9.82
CA ASN A 170 -31.50 -17.03 9.91
C ASN A 170 -32.67 -16.74 10.87
N SER A 171 -32.54 -17.29 12.09
CA SER A 171 -33.49 -17.19 13.21
C SER A 171 -33.22 -15.94 14.07
N GLY A 172 -31.94 -15.69 14.33
CA GLY A 172 -31.52 -14.56 15.16
C GLY A 172 -31.12 -13.32 14.39
N ARG A 173 -30.47 -12.40 15.09
CA ARG A 173 -29.99 -11.16 14.52
C ARG A 173 -28.46 -11.21 14.49
N HIS A 174 -27.84 -10.57 13.48
CA HIS A 174 -26.40 -10.58 13.32
C HIS A 174 -25.76 -9.31 13.90
N ALA A 175 -24.41 -9.24 13.96
CA ALA A 175 -23.66 -8.09 14.44
C ALA A 175 -22.46 -7.80 13.53
N LEU A 176 -22.39 -6.56 13.05
CA LEU A 176 -21.31 -6.11 12.18
C LEU A 176 -20.44 -5.11 12.96
N MET A 177 -19.10 -5.31 12.91
CA MET A 177 -18.12 -4.45 13.56
C MET A 177 -17.08 -3.95 12.58
N PHE A 178 -16.69 -2.68 12.73
CA PHE A 178 -15.62 -2.06 11.99
C PHE A 178 -14.62 -1.64 13.07
N LEU A 179 -13.44 -2.26 13.07
CA LEU A 179 -12.42 -2.03 14.07
C LEU A 179 -11.20 -1.35 13.44
N ASP A 180 -11.04 -0.04 13.69
CA ASP A 180 -9.93 0.74 13.13
C ASP A 180 -8.79 0.86 14.12
N LEU A 181 -7.60 0.38 13.72
CA LEU A 181 -6.40 0.43 14.54
C LEU A 181 -5.86 1.86 14.62
N ASP A 182 -6.15 2.52 15.75
CA ASP A 182 -5.83 3.91 16.09
C ASP A 182 -4.39 4.34 15.86
N GLN A 183 -3.41 3.41 15.96
CA GLN A 183 -1.99 3.75 15.82
C GLN A 183 -1.33 3.22 14.56
N PHE A 184 -2.07 2.54 13.65
CA PHE A 184 -1.47 1.95 12.45
C PHE A 184 -0.66 2.96 11.62
N LYS A 185 -1.18 4.16 11.34
CA LYS A 185 -0.41 5.14 10.57
C LYS A 185 0.88 5.55 11.28
N LEU A 186 0.81 5.78 12.61
CA LEU A 186 1.96 6.15 13.42
C LEU A 186 3.08 5.13 13.30
N VAL A 187 2.82 3.85 13.65
CA VAL A 187 3.81 2.78 13.59
C VAL A 187 4.44 2.73 12.20
N ASN A 188 3.59 2.66 11.17
CA ASN A 188 3.97 2.59 9.78
C ASN A 188 4.88 3.76 9.37
N ASP A 189 4.48 5.00 9.65
CA ASP A 189 5.30 6.17 9.30
C ASP A 189 6.60 6.24 10.10
N THR A 190 6.55 5.94 11.43
CA THR A 190 7.68 5.98 12.35
C THR A 190 8.71 4.88 12.08
N CYS A 191 8.29 3.61 12.16
CA CYS A 191 9.14 2.45 12.01
C CYS A 191 9.34 1.97 10.58
N GLY A 192 8.37 2.22 9.73
CA GLY A 192 8.42 1.73 8.36
C GLY A 192 7.31 0.74 8.08
N HIS A 193 7.07 0.47 6.78
CA HIS A 193 6.03 -0.43 6.31
C HIS A 193 6.09 -1.79 6.99
N ALA A 194 7.28 -2.42 7.03
CA ALA A 194 7.54 -3.72 7.62
C ALA A 194 7.03 -3.86 9.06
N ALA A 195 7.04 -2.75 9.83
CA ALA A 195 6.57 -2.69 11.22
C ALA A 195 5.04 -2.71 11.35
N GLY A 196 4.39 -1.83 10.59
CA GLY A 196 2.93 -1.73 10.56
C GLY A 196 2.28 -2.97 9.99
N ASP A 197 3.02 -3.73 9.16
CA ASP A 197 2.57 -4.99 8.59
C ASP A 197 2.56 -6.02 9.72
N GLU A 198 3.59 -6.00 10.60
CA GLU A 198 3.72 -6.89 11.75
C GLU A 198 2.64 -6.59 12.76
N LEU A 199 2.43 -5.29 13.04
CA LEU A 199 1.37 -4.82 13.96
C LEU A 199 0.02 -5.36 13.50
N LEU A 200 -0.28 -5.27 12.19
CA LEU A 200 -1.50 -5.81 11.59
C LEU A 200 -1.53 -7.35 11.70
N ARG A 201 -0.36 -7.99 11.47
CA ARG A 201 -0.19 -9.44 11.53
C ARG A 201 -0.45 -9.96 12.98
N GLN A 202 -0.04 -9.20 14.00
CA GLN A 202 -0.23 -9.49 15.43
C GLN A 202 -1.68 -9.21 15.92
N VAL A 203 -2.28 -8.10 15.43
CA VAL A 203 -3.65 -7.70 15.76
C VAL A 203 -4.63 -8.71 15.18
N CYS A 204 -4.28 -9.27 13.99
CA CYS A 204 -5.06 -10.30 13.30
C CYS A 204 -5.25 -11.50 14.22
N THR A 205 -4.12 -12.15 14.64
CA THR A 205 -4.12 -13.32 15.53
C THR A 205 -4.78 -13.03 16.87
N LEU A 206 -4.69 -11.77 17.32
CA LEU A 206 -5.29 -11.30 18.57
C LEU A 206 -6.83 -11.32 18.51
N LEU A 207 -7.40 -10.86 17.39
CA LEU A 207 -8.86 -10.86 17.14
C LEU A 207 -9.29 -12.31 16.84
N GLN A 208 -8.46 -13.05 16.07
CA GLN A 208 -8.61 -14.46 15.69
C GLN A 208 -8.73 -15.32 16.96
N GLN A 209 -7.94 -14.99 18.00
CA GLN A 209 -7.98 -15.66 19.30
C GLN A 209 -9.33 -15.44 19.97
N GLY A 210 -9.82 -14.20 19.94
CA GLY A 210 -11.08 -13.80 20.55
C GLY A 210 -12.34 -14.02 19.74
N LEU A 211 -12.30 -14.87 18.68
CA LEU A 211 -13.47 -15.12 17.85
C LEU A 211 -13.85 -16.59 17.72
N ARG A 212 -15.13 -16.89 17.99
CA ARG A 212 -15.73 -18.23 17.95
C ARG A 212 -15.81 -18.82 16.53
N GLU A 213 -16.20 -20.11 16.42
CA GLU A 213 -16.35 -20.81 15.14
C GLU A 213 -17.69 -20.47 14.52
N GLY A 214 -17.64 -20.02 13.27
CA GLY A 214 -18.81 -19.57 12.50
C GLY A 214 -18.88 -18.04 12.49
N ASP A 215 -17.72 -17.41 12.77
CA ASP A 215 -17.51 -15.96 12.84
C ASP A 215 -16.54 -15.53 11.76
N THR A 216 -16.90 -14.43 11.05
CA THR A 216 -16.11 -13.91 9.94
C THR A 216 -15.23 -12.77 10.38
N LEU A 217 -13.91 -12.93 10.25
CA LEU A 217 -12.91 -11.90 10.55
C LEU A 217 -12.21 -11.52 9.24
N ALA A 218 -12.25 -10.23 8.89
CA ALA A 218 -11.67 -9.72 7.66
C ALA A 218 -10.81 -8.44 7.81
N ARG A 219 -10.06 -8.10 6.76
CA ARG A 219 -9.34 -6.85 6.69
C ARG A 219 -9.92 -6.16 5.46
N LEU A 220 -10.73 -5.14 5.69
CA LEU A 220 -11.38 -4.40 4.61
C LEU A 220 -10.48 -3.23 4.16
N GLY A 221 -9.17 -3.47 4.26
CA GLY A 221 -8.15 -2.52 3.87
C GLY A 221 -7.53 -1.75 5.01
N GLY A 222 -6.38 -1.15 4.71
CA GLY A 222 -5.60 -0.31 5.61
C GLY A 222 -5.49 -0.73 7.05
N ASP A 223 -6.01 0.13 7.95
CA ASP A 223 -6.00 -0.08 9.39
C ASP A 223 -7.32 -0.69 9.86
N GLU A 224 -8.24 -0.92 8.91
CA GLU A 224 -9.59 -1.41 9.16
C GLU A 224 -9.73 -2.94 9.04
N PHE A 225 -10.43 -3.52 10.02
CA PHE A 225 -10.78 -4.94 10.11
C PHE A 225 -12.32 -5.05 10.27
N GLY A 226 -12.90 -6.11 9.70
CA GLY A 226 -14.34 -6.37 9.78
C GLY A 226 -14.70 -7.65 10.50
N ILE A 227 -15.68 -7.58 11.42
CA ILE A 227 -16.13 -8.76 12.18
C ILE A 227 -17.60 -9.01 11.96
N LEU A 228 -17.94 -10.24 11.54
CA LEU A 228 -19.34 -10.64 11.38
C LEU A 228 -19.71 -11.71 12.39
N LEU A 229 -20.68 -11.35 13.24
CA LEU A 229 -21.21 -12.20 14.29
C LEU A 229 -22.62 -12.63 13.95
N GLU A 230 -22.73 -13.70 13.14
CA GLU A 230 -24.00 -14.28 12.69
C GLU A 230 -24.73 -14.90 13.88
N ASN A 231 -26.06 -14.62 13.98
CA ASN A 231 -26.98 -15.10 15.02
C ASN A 231 -26.39 -14.94 16.42
N CYS A 232 -26.33 -13.67 16.86
CA CYS A 232 -25.78 -13.27 18.14
C CYS A 232 -26.68 -12.23 18.84
N PRO A 233 -27.10 -12.47 20.12
CA PRO A 233 -27.97 -11.49 20.81
C PRO A 233 -27.29 -10.14 21.03
N ALA A 234 -28.09 -9.05 21.09
CA ALA A 234 -27.62 -7.67 21.27
C ALA A 234 -26.63 -7.47 22.42
N GLU A 235 -26.87 -8.11 23.59
CA GLU A 235 -25.97 -8.02 24.75
C GLU A 235 -24.63 -8.65 24.40
N LYS A 236 -24.60 -9.97 24.14
CA LYS A 236 -23.39 -10.73 23.79
C LYS A 236 -22.54 -9.99 22.75
N ALA A 237 -23.18 -9.46 21.68
CA ALA A 237 -22.53 -8.72 20.60
C ALA A 237 -21.69 -7.52 21.12
N VAL A 238 -22.22 -6.75 22.11
CA VAL A 238 -21.47 -5.63 22.69
C VAL A 238 -20.40 -6.17 23.66
N GLU A 239 -20.72 -7.25 24.41
CA GLU A 239 -19.79 -7.88 25.35
C GLU A 239 -18.54 -8.36 24.61
N ILE A 240 -18.73 -8.97 23.42
CA ILE A 240 -17.65 -9.46 22.56
C ILE A 240 -16.82 -8.28 22.04
N ALA A 241 -17.50 -7.20 21.61
CA ALA A 241 -16.85 -5.98 21.11
C ALA A 241 -15.88 -5.38 22.12
N ASP A 242 -16.38 -5.09 23.35
CA ASP A 242 -15.60 -4.52 24.45
C ASP A 242 -14.39 -5.37 24.80
N HIS A 243 -14.54 -6.72 24.74
CA HIS A 243 -13.46 -7.65 25.04
C HIS A 243 -12.33 -7.54 24.04
N LEU A 244 -12.65 -7.61 22.73
CA LEU A 244 -11.69 -7.46 21.65
C LEU A 244 -11.01 -6.10 21.73
N ARG A 245 -11.76 -5.05 22.14
CA ARG A 245 -11.24 -3.68 22.32
C ARG A 245 -10.20 -3.65 23.46
N LYS A 246 -10.52 -4.29 24.59
CA LYS A 246 -9.65 -4.39 25.78
C LYS A 246 -8.42 -5.25 25.49
N THR A 247 -8.57 -6.37 24.74
CA THR A 247 -7.46 -7.27 24.42
C THR A 247 -6.44 -6.62 23.48
N ILE A 248 -6.86 -5.71 22.57
CA ILE A 248 -5.93 -4.97 21.66
C ILE A 248 -5.19 -3.90 22.50
N GLN A 249 -5.90 -3.29 23.46
CA GLN A 249 -5.36 -2.31 24.40
C GLN A 249 -4.30 -3.02 25.26
N ASP A 250 -4.61 -4.24 25.75
CA ASP A 250 -3.71 -5.07 26.56
C ASP A 250 -2.56 -5.67 25.77
N LEU A 251 -2.61 -5.62 24.42
CA LEU A 251 -1.52 -6.12 23.60
C LEU A 251 -0.36 -5.13 23.66
N HIS A 252 0.83 -5.65 24.03
CA HIS A 252 2.07 -4.87 24.10
C HIS A 252 2.81 -5.05 22.76
N PHE A 253 2.77 -4.02 21.89
CA PHE A 253 3.47 -4.09 20.61
C PHE A 253 4.82 -3.38 20.71
N THR A 254 5.89 -4.06 20.26
CA THR A 254 7.27 -3.52 20.26
C THR A 254 7.97 -3.82 18.93
N TRP A 255 8.56 -2.79 18.32
CA TRP A 255 9.33 -2.91 17.08
C TRP A 255 10.76 -2.48 17.36
N SER A 256 11.70 -3.45 17.24
CA SER A 256 13.14 -3.29 17.53
C SER A 256 13.34 -2.75 18.96
N GLY A 257 12.58 -3.31 19.90
CA GLY A 257 12.58 -2.95 21.31
C GLY A 257 11.65 -1.82 21.70
N GLN A 258 11.42 -0.85 20.77
CA GLN A 258 10.58 0.34 20.96
C GLN A 258 9.08 -0.01 21.08
N PRO A 259 8.44 0.26 22.23
CA PRO A 259 7.02 -0.07 22.37
C PRO A 259 6.03 0.96 21.85
N PHE A 260 4.85 0.47 21.42
CA PHE A 260 3.74 1.26 20.91
C PHE A 260 2.46 1.01 21.68
N ASN A 261 1.77 2.12 21.93
CA ASN A 261 0.51 2.29 22.67
C ASN A 261 -0.67 1.73 21.85
N CYS A 262 -0.55 0.45 21.42
CA CYS A 262 -1.50 -0.25 20.57
C CYS A 262 -2.96 -0.27 21.10
N THR A 263 -3.93 0.26 20.28
CA THR A 263 -5.36 0.33 20.60
C THR A 263 -6.25 0.44 19.31
N VAL A 264 -7.57 0.13 19.44
CA VAL A 264 -8.55 0.07 18.33
C VAL A 264 -9.90 0.84 18.60
N SER A 265 -10.53 1.38 17.52
CA SER A 265 -11.82 2.09 17.51
C SER A 265 -12.88 1.22 16.82
N VAL A 266 -13.81 0.68 17.62
CA VAL A 266 -14.86 -0.24 17.18
C VAL A 266 -16.19 0.46 16.92
N GLY A 267 -16.85 0.07 15.84
CA GLY A 267 -18.18 0.52 15.43
C GLY A 267 -19.08 -0.68 15.25
N LEU A 268 -20.10 -0.83 16.11
CA LEU A 268 -21.00 -1.98 16.09
C LEU A 268 -22.39 -1.67 15.54
N VAL A 269 -22.93 -2.59 14.72
CA VAL A 269 -24.25 -2.52 14.10
C VAL A 269 -25.00 -3.84 14.31
N HIS A 270 -26.15 -3.77 14.99
CA HIS A 270 -27.00 -4.93 15.20
C HIS A 270 -27.83 -5.08 13.93
N LEU A 271 -27.49 -6.10 13.13
CA LEU A 271 -28.14 -6.38 11.85
C LEU A 271 -29.32 -7.32 11.94
N LEU A 272 -30.26 -7.15 11.00
CA LEU A 272 -31.46 -7.97 10.92
C LEU A 272 -31.58 -8.67 9.55
N PRO A 273 -31.64 -10.02 9.49
CA PRO A 273 -31.78 -10.69 8.19
C PRO A 273 -33.18 -10.57 7.60
N GLY A 274 -33.25 -10.06 6.38
CA GLY A 274 -34.50 -9.87 5.65
C GLY A 274 -34.86 -8.41 5.40
N ILE A 275 -34.91 -7.59 6.49
CA ILE A 275 -35.30 -6.17 6.44
C ILE A 275 -34.12 -5.20 6.22
N SER A 276 -32.91 -5.55 6.70
CA SER A 276 -31.71 -4.72 6.55
C SER A 276 -30.98 -5.04 5.26
N THR A 277 -30.25 -4.05 4.67
CA THR A 277 -29.52 -4.20 3.39
C THR A 277 -28.03 -3.97 3.54
N LEU A 278 -27.22 -4.57 2.65
CA LEU A 278 -25.76 -4.49 2.62
C LEU A 278 -25.20 -3.08 2.63
N GLU A 279 -25.73 -2.18 1.76
CA GLU A 279 -25.30 -0.79 1.66
C GLU A 279 -25.54 -0.09 3.01
N GLU A 280 -26.77 -0.23 3.58
CA GLU A 280 -27.15 0.33 4.89
C GLU A 280 -26.24 -0.20 5.99
N ALA A 281 -26.03 -1.54 6.02
CA ALA A 281 -25.20 -2.26 6.98
C ALA A 281 -23.79 -1.67 7.07
N LEU A 282 -23.12 -1.57 5.92
CA LEU A 282 -21.76 -1.07 5.81
C LEU A 282 -21.66 0.42 6.14
N ARG A 283 -22.61 1.23 5.63
CA ARG A 283 -22.66 2.67 5.87
C ARG A 283 -22.94 2.97 7.36
N SER A 284 -23.75 2.13 8.02
CA SER A 284 -24.09 2.29 9.43
C SER A 284 -22.90 1.96 10.34
N ALA A 285 -22.14 0.90 10.03
CA ALA A 285 -20.97 0.46 10.79
C ALA A 285 -19.82 1.42 10.63
N ASP A 286 -19.81 2.12 9.49
CA ASP A 286 -18.81 3.12 9.15
C ASP A 286 -19.08 4.43 9.88
N MET A 287 -20.38 4.77 10.09
CA MET A 287 -20.77 5.98 10.82
C MET A 287 -20.40 5.82 12.30
N ALA A 288 -20.85 4.70 12.92
CA ALA A 288 -20.59 4.33 14.32
C ALA A 288 -19.10 4.18 14.60
N CYS A 289 -18.31 3.69 13.61
CA CYS A 289 -16.87 3.56 13.80
C CYS A 289 -16.24 4.92 13.86
N TYR A 290 -16.54 5.80 12.88
CA TYR A 290 -16.03 7.18 12.83
C TYR A 290 -16.35 7.92 14.15
N MET A 291 -17.54 7.62 14.71
CA MET A 291 -18.02 8.18 15.97
C MET A 291 -17.13 7.81 17.15
N ALA A 292 -16.64 6.55 17.22
CA ALA A 292 -15.76 6.12 18.31
C ALA A 292 -14.44 6.90 18.28
N LYS A 293 -14.00 7.29 17.05
CA LYS A 293 -12.79 8.08 16.79
C LYS A 293 -13.04 9.54 17.22
N GLU A 294 -14.19 10.13 16.77
CA GLU A 294 -14.62 11.49 17.13
C GLU A 294 -14.80 11.60 18.66
N LYS A 295 -15.36 10.54 19.30
CA LYS A 295 -15.57 10.45 20.75
C LYS A 295 -14.28 10.04 21.48
N GLY A 296 -13.14 10.30 20.84
CA GLY A 296 -11.82 10.13 21.42
C GLY A 296 -10.97 8.89 21.20
N ARG A 297 -11.40 7.96 20.31
CA ARG A 297 -10.66 6.70 20.01
C ARG A 297 -10.56 5.76 21.24
N ASN A 298 -10.26 4.47 21.00
CA ASN A 298 -10.21 3.42 22.03
C ASN A 298 -11.59 3.32 22.69
N ARG A 299 -12.61 3.18 21.85
CA ARG A 299 -14.01 3.13 22.25
C ARG A 299 -14.82 2.22 21.33
N VAL A 300 -15.87 1.58 21.89
CA VAL A 300 -16.83 0.81 21.10
C VAL A 300 -18.01 1.78 20.96
N GLN A 301 -18.65 1.79 19.79
CA GLN A 301 -19.79 2.66 19.54
C GLN A 301 -20.89 1.87 18.84
N VAL A 302 -22.05 1.72 19.51
CA VAL A 302 -23.17 0.98 18.94
C VAL A 302 -24.06 1.92 18.14
N PHE A 303 -24.45 1.50 16.94
CA PHE A 303 -25.31 2.30 16.07
C PHE A 303 -26.77 2.26 16.51
N HIS A 304 -27.40 3.44 16.48
CA HIS A 304 -28.81 3.67 16.79
C HIS A 304 -29.30 4.67 15.73
N GLN A 305 -30.38 4.30 15.00
CA GLN A 305 -30.94 5.02 13.85
C GLN A 305 -31.29 6.50 14.07
N ASP A 306 -31.90 6.87 15.21
CA ASP A 306 -32.31 8.24 15.52
C ASP A 306 -31.28 8.92 16.41
N ASP A 307 -31.27 8.55 17.71
CA ASP A 307 -30.33 9.04 18.73
C ASP A 307 -28.94 8.50 18.39
N VAL A 308 -27.86 9.20 18.81
CA VAL A 308 -26.45 8.87 18.48
C VAL A 308 -26.32 8.45 16.97
N GLU A 309 -26.88 9.34 16.13
CA GLU A 309 -26.91 9.38 14.66
C GLU A 309 -27.09 10.87 14.36
N LEU A 310 -27.72 11.59 15.33
CA LEU A 310 -27.92 13.04 15.38
C LEU A 310 -26.53 13.65 15.45
N SER A 311 -25.56 12.90 16.03
CA SER A 311 -24.15 13.25 16.20
C SER A 311 -23.45 13.47 14.87
N MET A 312 -23.99 12.88 13.78
CA MET A 312 -23.48 13.05 12.43
C MET A 312 -24.08 14.29 11.81
N ARG A 313 -25.39 14.53 12.07
CA ARG A 313 -26.14 15.71 11.63
C ARG A 313 -25.53 16.96 12.27
N PHE A 314 -25.19 16.86 13.58
CA PHE A 314 -24.54 17.90 14.41
C PHE A 314 -23.13 18.17 13.88
N GLY A 315 -22.34 17.10 13.68
CA GLY A 315 -20.97 17.13 13.19
C GLY A 315 -20.80 17.78 11.82
N GLU A 316 -21.85 17.68 10.98
CA GLU A 316 -21.92 18.29 9.64
C GLU A 316 -21.94 19.81 9.80
N MET A 317 -22.82 20.31 10.68
CA MET A 317 -23.01 21.72 11.01
C MET A 317 -21.77 22.27 11.69
N THR A 318 -21.17 21.50 12.61
CA THR A 318 -19.96 21.88 13.35
C THR A 318 -18.79 22.12 12.36
N TRP A 319 -18.61 21.23 11.38
CA TRP A 319 -17.54 21.32 10.41
C TRP A 319 -17.82 22.26 9.25
N VAL A 320 -19.12 22.46 8.88
CA VAL A 320 -19.49 23.44 7.84
C VAL A 320 -19.02 24.81 8.36
N GLN A 321 -19.40 25.14 9.62
CA GLN A 321 -19.04 26.37 10.33
C GLN A 321 -17.53 26.49 10.52
N ARG A 322 -16.86 25.42 11.03
CA ARG A 322 -15.42 25.41 11.30
C ARG A 322 -14.58 25.60 10.05
N ILE A 323 -14.92 24.93 8.95
CA ILE A 323 -14.14 25.09 7.73
C ILE A 323 -14.39 26.48 7.12
N HIS A 324 -15.69 26.87 6.96
CA HIS A 324 -16.04 28.18 6.41
C HIS A 324 -15.44 29.31 7.21
N LEU A 325 -15.56 29.29 8.56
CA LEU A 325 -14.95 30.29 9.44
C LEU A 325 -13.47 30.41 9.15
N ALA A 326 -12.74 29.27 9.02
CA ALA A 326 -11.30 29.22 8.73
C ALA A 326 -10.93 29.85 7.38
N LEU A 327 -11.82 29.74 6.36
CA LEU A 327 -11.64 30.35 5.04
C LEU A 327 -11.82 31.89 5.11
N GLU A 328 -12.87 32.38 5.80
CA GLU A 328 -13.11 33.82 5.94
C GLU A 328 -12.13 34.47 6.94
N GLU A 329 -11.64 33.73 7.93
CA GLU A 329 -10.70 34.28 8.89
C GLU A 329 -9.23 34.25 8.39
N ASP A 330 -9.01 33.72 7.15
CA ASP A 330 -7.69 33.59 6.51
C ASP A 330 -6.69 32.74 7.34
N ARG A 331 -7.22 31.81 8.16
CA ARG A 331 -6.47 30.92 9.03
C ARG A 331 -5.69 29.80 8.29
N PHE A 332 -6.05 29.49 7.01
CA PHE A 332 -5.33 28.49 6.20
C PHE A 332 -4.11 29.13 5.52
N SER A 333 -3.00 28.42 5.49
CA SER A 333 -1.76 28.87 4.85
C SER A 333 -1.10 27.70 4.12
N LEU A 334 -0.26 28.01 3.12
CA LEU A 334 0.39 26.99 2.31
C LEU A 334 1.88 26.92 2.57
N TYR A 335 2.38 25.68 2.60
CA TYR A 335 3.80 25.39 2.78
C TYR A 335 4.33 24.71 1.56
N ALA A 336 5.63 24.88 1.30
CA ALA A 336 6.29 24.25 0.17
C ALA A 336 7.44 23.35 0.62
N GLN A 337 7.45 22.15 0.08
CA GLN A 337 8.47 21.16 0.33
C GLN A 337 9.17 20.81 -0.99
N PRO A 338 10.50 20.99 -1.11
CA PRO A 338 11.15 20.67 -2.39
C PRO A 338 11.28 19.18 -2.67
N ILE A 339 11.23 18.84 -3.97
CA ILE A 339 11.43 17.53 -4.55
C ILE A 339 12.59 17.81 -5.49
N VAL A 340 13.67 17.04 -5.41
CA VAL A 340 14.86 17.29 -6.23
C VAL A 340 15.20 16.09 -7.12
N PRO A 341 15.83 16.29 -8.31
CA PRO A 341 16.21 15.11 -9.10
C PRO A 341 17.48 14.45 -8.57
N LEU A 342 17.56 13.13 -8.69
CA LEU A 342 18.74 12.38 -8.27
C LEU A 342 19.64 12.15 -9.50
N GLY A 343 19.15 12.63 -10.66
CA GLY A 343 19.83 12.59 -11.95
C GLY A 343 21.17 13.30 -11.92
N GLU A 344 22.18 12.68 -12.57
CA GLU A 344 23.57 13.13 -12.60
C GLU A 344 23.77 14.45 -13.39
N GLY A 345 24.00 15.53 -12.65
CA GLY A 345 24.18 16.88 -13.18
C GLY A 345 22.90 17.51 -13.72
N ALA A 346 21.74 17.06 -13.19
CA ALA A 346 20.42 17.54 -13.60
C ALA A 346 20.12 18.93 -13.06
N GLU A 347 19.75 19.86 -13.96
CA GLU A 347 19.41 21.24 -13.64
C GLU A 347 17.90 21.38 -13.31
N GLU A 348 17.04 21.63 -14.34
CA GLU A 348 15.57 21.81 -14.27
C GLU A 348 15.16 23.03 -13.40
N GLY A 349 13.87 23.39 -13.45
CA GLY A 349 13.34 24.46 -12.61
C GLY A 349 13.15 23.93 -11.20
N LEU A 350 12.63 24.77 -10.28
CA LEU A 350 12.38 24.28 -8.92
C LEU A 350 11.08 23.46 -8.88
N HIS A 351 11.16 22.26 -8.28
CA HIS A 351 10.05 21.34 -8.11
C HIS A 351 9.68 21.36 -6.63
N VAL A 352 8.41 21.60 -6.30
CA VAL A 352 7.91 21.62 -4.92
C VAL A 352 6.54 20.97 -4.78
N GLU A 353 6.29 20.35 -3.65
CA GLU A 353 4.97 19.83 -3.35
C GLU A 353 4.35 20.85 -2.39
N LEU A 354 3.06 21.10 -2.50
CA LEU A 354 2.36 22.02 -1.61
C LEU A 354 1.66 21.28 -0.49
N LEU A 355 1.83 21.81 0.73
CA LEU A 355 1.25 21.22 1.92
C LEU A 355 0.40 22.24 2.66
N LEU A 356 -0.83 21.86 2.97
CA LEU A 356 -1.80 22.74 3.63
C LEU A 356 -1.56 22.78 5.12
N ARG A 357 -1.73 23.97 5.72
CA ARG A 357 -1.63 24.18 7.17
C ARG A 357 -2.77 25.05 7.61
N LEU A 358 -3.43 24.67 8.70
CA LEU A 358 -4.52 25.45 9.29
C LEU A 358 -4.06 25.91 10.65
N ARG A 359 -4.45 27.10 11.07
CA ARG A 359 -4.14 27.59 12.41
C ARG A 359 -5.48 27.76 13.15
N ASP A 360 -5.71 26.98 14.23
CA ASP A 360 -6.96 27.04 15.00
C ASP A 360 -7.21 28.40 15.63
N GLU A 361 -8.46 28.65 16.11
CA GLU A 361 -8.89 29.90 16.75
C GLU A 361 -7.89 30.42 17.80
N GLY A 362 -7.32 29.49 18.59
CA GLY A 362 -6.32 29.74 19.63
C GLY A 362 -4.98 30.24 19.12
N GLY A 363 -4.66 29.94 17.85
CA GLY A 363 -3.42 30.34 17.20
C GLY A 363 -2.38 29.24 17.05
N ARG A 364 -2.80 27.98 17.29
CA ARG A 364 -1.94 26.80 17.20
C ARG A 364 -2.06 26.13 15.84
N LEU A 365 -0.92 25.70 15.26
CA LEU A 365 -0.91 24.98 13.98
C LEU A 365 -1.64 23.65 14.15
N VAL A 366 -2.66 23.43 13.35
CA VAL A 366 -3.43 22.19 13.35
C VAL A 366 -2.82 21.30 12.26
N PRO A 367 -2.40 20.07 12.58
CA PRO A 367 -1.89 19.20 11.51
C PRO A 367 -3.07 18.65 10.68
N PRO A 368 -2.88 18.41 9.34
CA PRO A 368 -4.00 17.91 8.50
C PRO A 368 -4.77 16.66 9.03
N LEU A 369 -4.17 15.90 9.97
CA LEU A 369 -4.76 14.72 10.64
C LEU A 369 -6.13 15.02 11.24
N SER A 370 -6.28 16.19 11.87
CA SER A 370 -7.47 16.56 12.63
C SER A 370 -8.65 17.09 11.81
N PHE A 371 -8.41 17.85 10.72
CA PHE A 371 -9.48 18.45 9.96
C PHE A 371 -9.76 17.79 8.62
N ILE A 372 -8.73 17.32 7.87
CA ILE A 372 -8.92 16.68 6.54
C ILE A 372 -9.91 15.45 6.60
N PRO A 373 -9.82 14.47 7.54
CA PRO A 373 -10.81 13.36 7.53
C PRO A 373 -12.24 13.81 7.87
N ALA A 374 -12.37 14.76 8.81
CA ALA A 374 -13.66 15.32 9.22
C ALA A 374 -14.24 16.18 8.09
N ALA A 375 -13.37 16.85 7.29
CA ALA A 375 -13.80 17.66 6.15
C ALA A 375 -14.02 16.78 4.91
N GLU A 376 -13.46 15.54 4.93
CA GLU A 376 -13.67 14.55 3.87
C GLU A 376 -15.06 13.92 4.09
N ARG A 377 -15.36 13.53 5.37
CA ARG A 377 -16.61 12.90 5.82
C ARG A 377 -17.82 13.75 5.50
N TYR A 378 -17.81 15.02 5.93
CA TYR A 378 -18.90 15.97 5.76
C TYR A 378 -18.90 16.70 4.39
N GLY A 379 -18.04 16.25 3.49
CA GLY A 379 -17.96 16.73 2.11
C GLY A 379 -17.59 18.18 1.86
N LEU A 380 -16.61 18.69 2.63
CA LEU A 380 -16.09 20.06 2.52
C LEU A 380 -14.70 20.12 1.82
N MET A 381 -14.28 19.04 1.16
CA MET A 381 -12.95 19.00 0.54
C MET A 381 -12.85 19.75 -0.78
N THR A 382 -13.94 19.78 -1.58
CA THR A 382 -13.97 20.50 -2.86
C THR A 382 -13.62 21.94 -2.60
N LEU A 383 -14.13 22.46 -1.48
CA LEU A 383 -13.91 23.80 -0.94
C LEU A 383 -12.44 24.05 -0.67
N ILE A 384 -11.83 23.19 0.18
CA ILE A 384 -10.43 23.26 0.58
C ILE A 384 -9.51 23.16 -0.65
N ASP A 385 -9.89 22.33 -1.66
CA ASP A 385 -9.11 22.17 -2.89
C ASP A 385 -9.18 23.42 -3.76
N ARG A 386 -10.39 23.99 -3.90
CA ARG A 386 -10.61 25.23 -4.65
C ARG A 386 -9.85 26.38 -3.96
N TRP A 387 -9.77 26.34 -2.60
CA TRP A 387 -9.01 27.33 -1.81
C TRP A 387 -7.52 27.14 -2.06
N VAL A 388 -7.00 25.90 -1.94
CA VAL A 388 -5.58 25.56 -2.13
C VAL A 388 -5.08 25.97 -3.53
N VAL A 389 -5.72 25.46 -4.62
CA VAL A 389 -5.37 25.74 -6.03
C VAL A 389 -5.33 27.27 -6.30
N GLU A 390 -6.34 28.02 -5.83
CA GLU A 390 -6.40 29.46 -6.02
C GLU A 390 -5.25 30.16 -5.33
N ASN A 391 -4.94 29.77 -4.07
CA ASN A 391 -3.85 30.42 -3.33
C ASN A 391 -2.45 30.01 -3.82
N ALA A 392 -2.34 28.81 -4.41
CA ALA A 392 -1.10 28.35 -5.01
C ALA A 392 -0.79 29.22 -6.24
N PHE A 393 -1.83 29.59 -7.02
CA PHE A 393 -1.70 30.45 -8.19
C PHE A 393 -1.50 31.87 -7.76
N ARG A 394 -2.26 32.33 -6.74
CA ARG A 394 -2.16 33.67 -6.16
C ARG A 394 -0.72 33.93 -5.65
N THR A 395 -0.13 32.95 -4.91
CA THR A 395 1.23 33.01 -4.39
C THR A 395 2.26 33.02 -5.54
N LEU A 396 2.06 32.20 -6.58
CA LEU A 396 2.96 32.12 -7.73
C LEU A 396 3.13 33.47 -8.44
N VAL A 397 2.02 34.27 -8.56
CA VAL A 397 2.03 35.60 -9.18
C VAL A 397 2.84 36.56 -8.29
N GLU A 398 2.54 36.56 -6.97
CA GLU A 398 3.20 37.37 -5.96
C GLU A 398 4.71 37.11 -5.91
N ARG A 399 5.12 35.83 -6.09
CA ARG A 399 6.52 35.41 -6.12
C ARG A 399 7.16 35.95 -7.38
N ALA A 400 6.43 35.84 -8.53
CA ALA A 400 6.85 36.29 -9.86
C ALA A 400 7.22 37.78 -9.94
N GLN A 401 6.62 38.60 -9.06
CA GLN A 401 6.86 40.05 -8.93
C GLN A 401 8.33 40.36 -8.71
N ASP A 402 9.06 39.47 -7.98
CA ASP A 402 10.49 39.62 -7.76
C ASP A 402 11.24 39.03 -8.99
N PRO A 403 12.08 39.83 -9.69
CA PRO A 403 12.82 39.30 -10.86
C PRO A 403 13.86 38.24 -10.50
N ARG A 404 14.62 38.49 -9.41
CA ARG A 404 15.69 37.64 -8.88
C ARG A 404 15.19 36.34 -8.21
N ALA A 405 13.88 36.24 -7.91
CA ALA A 405 13.23 35.10 -7.26
C ALA A 405 13.53 33.77 -7.94
N GLU A 406 13.68 32.68 -7.14
CA GLU A 406 13.95 31.32 -7.65
C GLU A 406 12.74 30.81 -8.47
N PRO A 407 12.87 30.69 -9.82
CA PRO A 407 11.71 30.25 -10.62
C PRO A 407 11.25 28.82 -10.34
N ILE A 408 9.90 28.61 -10.33
CA ILE A 408 9.27 27.31 -10.08
C ILE A 408 8.89 26.64 -11.41
N GLY A 409 9.52 25.49 -11.65
CA GLY A 409 9.30 24.68 -12.84
C GLY A 409 8.15 23.72 -12.65
N THR A 410 7.98 23.24 -11.39
CA THR A 410 6.91 22.32 -10.98
C THR A 410 6.32 22.70 -9.61
N CYS A 411 5.01 22.52 -9.47
CA CYS A 411 4.27 22.82 -8.28
C CYS A 411 3.18 21.77 -8.12
N ALA A 412 3.43 20.77 -7.24
CA ALA A 412 2.51 19.67 -6.98
C ALA A 412 1.42 20.06 -6.01
N ILE A 413 0.15 19.82 -6.38
CA ILE A 413 -1.01 20.13 -5.54
C ILE A 413 -1.89 18.86 -5.39
N ASN A 414 -2.18 18.46 -4.14
CA ASN A 414 -3.01 17.29 -3.83
C ASN A 414 -4.54 17.54 -4.03
N LEU A 415 -5.21 16.60 -4.73
CA LEU A 415 -6.65 16.64 -5.00
C LEU A 415 -7.37 15.46 -4.33
N SER A 416 -8.51 15.72 -3.70
CA SER A 416 -9.35 14.74 -3.04
C SER A 416 -10.28 14.04 -4.05
N GLY A 417 -10.85 12.89 -3.67
CA GLY A 417 -11.81 12.15 -4.47
C GLY A 417 -13.02 13.00 -4.81
N ALA A 418 -13.31 13.98 -3.93
CA ALA A 418 -14.39 14.97 -4.06
C ALA A 418 -14.18 15.79 -5.33
N THR A 419 -12.92 16.27 -5.55
CA THR A 419 -12.51 17.06 -6.71
C THR A 419 -12.50 16.20 -7.97
N ILE A 420 -12.04 14.94 -7.88
CA ILE A 420 -12.01 13.97 -8.99
C ILE A 420 -13.46 13.71 -9.49
N GLY A 421 -14.40 13.62 -8.54
CA GLY A 421 -15.81 13.46 -8.82
C GLY A 421 -16.45 14.74 -9.32
N ASP A 422 -15.95 15.89 -8.84
CA ASP A 422 -16.43 17.24 -9.20
C ASP A 422 -16.24 17.58 -10.70
N GLU A 423 -17.37 17.64 -11.40
CA GLU A 423 -17.50 17.97 -12.82
C GLU A 423 -17.25 19.48 -13.10
N SER A 424 -17.48 20.34 -12.09
CA SER A 424 -17.29 21.79 -12.23
C SER A 424 -15.84 22.26 -12.01
N PHE A 425 -14.93 21.34 -11.58
CA PHE A 425 -13.53 21.65 -11.30
C PHE A 425 -12.75 22.13 -12.52
N LEU A 426 -12.84 21.43 -13.67
CA LEU A 426 -12.09 21.86 -14.86
C LEU A 426 -12.37 23.30 -15.22
N GLN A 427 -13.67 23.69 -15.28
CA GLN A 427 -14.14 25.05 -15.58
C GLN A 427 -13.45 26.04 -14.62
N PHE A 428 -13.46 25.71 -13.32
CA PHE A 428 -12.83 26.48 -12.24
C PHE A 428 -11.36 26.68 -12.51
N LEU A 429 -10.65 25.62 -12.95
CA LEU A 429 -9.24 25.68 -13.28
C LEU A 429 -8.97 26.54 -14.53
N THR A 430 -9.87 26.47 -15.55
CA THR A 430 -9.76 27.28 -16.77
C THR A 430 -9.93 28.74 -16.34
N GLU A 431 -10.81 28.96 -15.35
CA GLU A 431 -11.05 30.27 -14.79
C GLU A 431 -9.83 30.74 -14.01
N LEU A 432 -9.15 29.84 -13.26
CA LEU A 432 -7.95 30.17 -12.50
C LEU A 432 -6.75 30.47 -13.39
N PHE A 433 -6.60 29.71 -14.49
CA PHE A 433 -5.53 29.86 -15.48
C PHE A 433 -5.62 31.19 -16.22
N ALA A 434 -6.86 31.68 -16.45
CA ALA A 434 -7.10 32.94 -17.13
C ALA A 434 -6.74 34.09 -16.20
N ARG A 435 -7.29 34.07 -14.98
CA ARG A 435 -7.15 35.06 -13.91
C ARG A 435 -5.70 35.27 -13.41
N TYR A 436 -4.99 34.18 -13.11
CA TYR A 436 -3.64 34.23 -12.56
C TYR A 436 -2.51 34.02 -13.59
N ARG A 437 -2.85 33.51 -14.79
CA ARG A 437 -1.93 33.31 -15.91
C ARG A 437 -0.75 32.40 -15.59
N ILE A 438 -0.95 31.37 -14.75
CA ILE A 438 0.11 30.43 -14.43
C ILE A 438 0.10 29.41 -15.58
N PRO A 439 1.25 29.02 -16.19
CA PRO A 439 1.17 28.01 -17.28
C PRO A 439 0.74 26.65 -16.70
N PRO A 440 -0.12 25.90 -17.40
CA PRO A 440 -0.58 24.62 -16.86
C PRO A 440 0.51 23.60 -16.57
N GLN A 441 1.50 23.55 -17.46
CA GLN A 441 2.64 22.65 -17.42
C GLN A 441 3.33 22.70 -16.07
N THR A 442 3.41 23.89 -15.44
CA THR A 442 4.02 24.10 -14.12
C THR A 442 3.30 23.33 -13.02
N ILE A 443 1.98 23.16 -13.17
CA ILE A 443 1.12 22.49 -12.20
C ILE A 443 1.15 20.98 -12.40
N CYS A 444 1.24 20.25 -11.29
CA CYS A 444 1.22 18.79 -11.22
C CYS A 444 0.22 18.38 -10.16
N PHE A 445 -0.98 17.98 -10.56
CA PHE A 445 -1.96 17.54 -9.57
C PHE A 445 -1.61 16.15 -9.03
N GLU A 446 -1.88 15.92 -7.73
CA GLU A 446 -1.53 14.69 -7.04
C GLU A 446 -2.75 13.95 -6.46
N VAL A 447 -2.99 12.74 -6.97
CA VAL A 447 -4.09 11.89 -6.52
C VAL A 447 -3.51 10.54 -5.97
N THR A 448 -3.98 10.08 -4.79
CA THR A 448 -3.49 8.83 -4.21
C THR A 448 -4.10 7.63 -4.92
N GLU A 449 -3.28 6.57 -5.12
CA GLU A 449 -3.65 5.31 -5.77
C GLU A 449 -4.99 4.81 -5.25
N THR A 450 -5.21 4.94 -3.93
CA THR A 450 -6.45 4.54 -3.27
C THR A 450 -7.63 5.37 -3.77
N VAL A 451 -7.50 6.72 -3.76
CA VAL A 451 -8.52 7.67 -4.22
C VAL A 451 -8.93 7.38 -5.68
N ALA A 452 -7.93 7.06 -6.55
CA ALA A 452 -8.12 6.74 -7.96
C ALA A 452 -8.91 5.46 -8.15
N VAL A 453 -8.51 4.38 -7.49
CA VAL A 453 -9.16 3.08 -7.57
C VAL A 453 -10.58 3.12 -6.98
N ALA A 454 -10.79 3.97 -5.94
CA ALA A 454 -12.09 4.14 -5.29
C ALA A 454 -13.19 4.57 -6.28
N ASN A 455 -12.83 5.45 -7.25
CA ASN A 455 -13.69 5.98 -8.33
C ASN A 455 -12.86 5.91 -9.63
N LEU A 456 -12.52 4.65 -10.05
CA LEU A 456 -11.66 4.31 -11.18
C LEU A 456 -12.07 5.02 -12.50
N ALA A 457 -13.29 4.82 -12.97
CA ALA A 457 -13.74 5.46 -14.21
C ALA A 457 -13.53 6.98 -14.16
N SER A 458 -13.90 7.61 -13.02
CA SER A 458 -13.83 9.04 -12.77
C SER A 458 -12.42 9.60 -12.73
N ALA A 459 -11.45 8.85 -12.12
CA ALA A 459 -10.05 9.26 -12.03
C ALA A 459 -9.46 9.34 -13.42
N ILE A 460 -9.67 8.30 -14.28
CA ILE A 460 -9.21 8.22 -15.68
C ILE A 460 -9.72 9.42 -16.51
N ARG A 461 -11.06 9.64 -16.48
CA ARG A 461 -11.79 10.70 -17.17
C ARG A 461 -11.26 12.06 -16.68
N PHE A 462 -10.98 12.20 -15.35
CA PHE A 462 -10.41 13.44 -14.77
C PHE A 462 -8.99 13.66 -15.29
N ILE A 463 -8.06 12.73 -14.96
CA ILE A 463 -6.65 12.73 -15.35
C ILE A 463 -6.48 13.15 -16.81
N ASN A 464 -7.17 12.48 -17.75
CA ASN A 464 -7.11 12.79 -19.18
C ASN A 464 -7.56 14.20 -19.55
N GLU A 465 -8.67 14.70 -18.96
CA GLU A 465 -9.20 16.05 -19.20
C GLU A 465 -8.19 17.14 -18.81
N LEU A 466 -7.48 16.89 -17.70
CA LEU A 466 -6.48 17.78 -17.11
C LEU A 466 -5.14 17.69 -17.85
N LYS A 467 -4.71 16.47 -18.22
CA LYS A 467 -3.48 16.24 -18.98
C LYS A 467 -3.56 16.99 -20.32
N ASP A 468 -4.77 17.02 -20.92
CA ASP A 468 -5.04 17.72 -22.17
C ASP A 468 -4.97 19.25 -21.99
N THR A 469 -5.13 19.74 -20.76
CA THR A 469 -5.07 21.18 -20.46
C THR A 469 -3.60 21.66 -20.42
N GLY A 470 -2.69 20.72 -20.18
CA GLY A 470 -1.26 20.99 -20.11
C GLY A 470 -0.67 20.61 -18.78
N CYS A 471 -1.54 20.34 -17.80
CA CYS A 471 -1.17 19.91 -16.45
C CYS A 471 -0.41 18.59 -16.45
N ARG A 472 0.15 18.23 -15.29
CA ARG A 472 0.82 16.96 -15.06
C ARG A 472 0.09 16.20 -13.94
N PHE A 473 0.29 14.88 -13.89
CA PHE A 473 -0.30 14.05 -12.85
C PHE A 473 0.73 13.19 -12.12
N SER A 474 0.42 12.83 -10.87
CA SER A 474 1.28 12.05 -10.00
C SER A 474 0.42 11.10 -9.16
N LEU A 475 0.83 9.83 -9.02
CA LEU A 475 0.09 8.87 -8.22
C LEU A 475 0.77 8.69 -6.87
N ASP A 476 0.30 9.51 -5.90
CA ASP A 476 0.78 9.61 -4.52
C ASP A 476 0.52 8.31 -3.74
N ASP A 477 1.40 7.97 -2.76
CA ASP A 477 1.30 6.77 -1.89
C ASP A 477 1.00 5.48 -2.68
N PHE A 478 1.96 5.07 -3.53
CA PHE A 478 1.86 3.91 -4.42
C PHE A 478 2.60 2.70 -3.82
N CYS A 479 1.89 1.54 -3.76
CA CYS A 479 2.41 0.28 -3.23
C CYS A 479 2.32 -0.84 -4.25
N ALA A 480 3.48 -1.37 -4.67
CA ALA A 480 3.62 -2.45 -5.65
C ALA A 480 2.87 -3.75 -5.30
N GLY A 481 2.25 -4.30 -6.33
CA GLY A 481 1.44 -5.51 -6.34
C GLY A 481 0.88 -5.58 -7.75
N MET A 482 0.33 -6.72 -8.15
CA MET A 482 -0.21 -6.82 -9.51
C MET A 482 -1.37 -5.87 -9.76
N SER A 483 -2.34 -5.81 -8.81
CA SER A 483 -3.52 -4.92 -8.88
C SER A 483 -3.12 -3.47 -9.21
N SER A 484 -2.14 -2.92 -8.44
CA SER A 484 -1.62 -1.57 -8.60
C SER A 484 -1.00 -1.37 -9.98
N PHE A 485 -0.29 -2.38 -10.50
CA PHE A 485 0.30 -2.31 -11.85
C PHE A 485 -0.77 -2.53 -12.93
N ILE A 486 -1.93 -3.11 -12.56
CA ILE A 486 -3.05 -3.33 -13.45
C ILE A 486 -3.80 -1.98 -13.57
N TYR A 487 -3.96 -1.30 -12.42
CA TYR A 487 -4.57 0.02 -12.31
C TYR A 487 -3.70 1.06 -13.01
N LEU A 488 -2.37 1.00 -12.77
CA LEU A 488 -1.38 1.92 -13.36
C LEU A 488 -1.41 1.98 -14.89
N LYS A 489 -1.83 0.88 -15.54
CA LYS A 489 -1.96 0.80 -16.99
C LYS A 489 -2.97 1.86 -17.49
N HIS A 490 -4.15 1.94 -16.80
CA HIS A 490 -5.30 2.80 -17.12
C HIS A 490 -5.22 4.24 -16.58
N LEU A 491 -4.28 4.50 -15.65
CA LEU A 491 -4.12 5.84 -15.09
C LEU A 491 -2.98 6.57 -15.80
N PRO A 492 -3.28 7.47 -16.76
CA PRO A 492 -2.21 8.18 -17.49
C PRO A 492 -1.48 9.28 -16.68
N VAL A 493 -0.96 8.91 -15.50
CA VAL A 493 -0.19 9.80 -14.62
C VAL A 493 1.24 10.00 -15.18
N ASP A 494 1.93 11.06 -14.75
CA ASP A 494 3.28 11.33 -15.23
C ASP A 494 4.34 10.83 -14.26
N TYR A 495 4.00 10.80 -12.97
CA TYR A 495 4.90 10.43 -11.88
C TYR A 495 4.32 9.39 -10.93
N LEU A 496 5.19 8.78 -10.09
CA LEU A 496 4.84 7.79 -9.07
C LEU A 496 5.52 8.13 -7.77
N LYS A 497 4.74 8.38 -6.70
CA LYS A 497 5.30 8.69 -5.39
C LYS A 497 5.37 7.40 -4.57
N ILE A 498 6.55 6.74 -4.55
CA ILE A 498 6.82 5.52 -3.78
C ILE A 498 6.42 5.83 -2.33
N ASP A 499 5.49 5.04 -1.77
CA ASP A 499 5.01 5.27 -0.41
C ASP A 499 6.21 5.31 0.56
N GLY A 500 6.34 6.43 1.27
CA GLY A 500 7.40 6.70 2.23
C GLY A 500 7.65 5.63 3.26
N SER A 501 6.60 4.88 3.65
CA SER A 501 6.73 3.77 4.61
C SER A 501 7.75 2.73 4.15
N PHE A 502 7.91 2.56 2.82
CA PHE A 502 8.88 1.65 2.23
C PHE A 502 10.26 2.30 2.27
N VAL A 503 10.31 3.60 1.98
CA VAL A 503 11.56 4.36 1.93
C VAL A 503 12.17 4.51 3.34
N LYS A 504 11.32 4.53 4.39
CA LYS A 504 11.71 4.67 5.81
C LYS A 504 12.71 3.59 6.27
N ASP A 505 12.30 2.31 6.24
CA ASP A 505 13.14 1.19 6.67
C ASP A 505 13.60 0.35 5.47
N MET A 506 14.00 1.02 4.39
CA MET A 506 14.47 0.37 3.17
C MET A 506 15.86 -0.23 3.40
N LEU A 507 16.74 0.50 4.10
CA LEU A 507 18.09 0.00 4.36
C LEU A 507 18.17 -1.00 5.55
N GLU A 508 17.01 -1.28 6.20
CA GLU A 508 16.87 -2.20 7.32
C GLU A 508 16.25 -3.54 6.87
N ASP A 509 14.97 -3.56 6.43
CA ASP A 509 14.30 -4.77 5.97
C ASP A 509 14.54 -5.01 4.47
N PRO A 510 15.00 -6.21 4.05
CA PRO A 510 15.29 -6.44 2.63
C PRO A 510 14.09 -6.43 1.70
N ILE A 511 12.88 -6.75 2.22
CA ILE A 511 11.64 -6.78 1.43
C ILE A 511 11.24 -5.36 0.94
N ASP A 512 11.44 -4.34 1.80
CA ASP A 512 11.12 -2.95 1.46
C ASP A 512 12.12 -2.35 0.46
N ARG A 513 13.39 -2.80 0.49
CA ARG A 513 14.40 -2.35 -0.47
C ARG A 513 13.96 -2.87 -1.85
N ALA A 514 13.49 -4.14 -1.94
CA ALA A 514 13.02 -4.75 -3.19
C ALA A 514 11.67 -4.17 -3.60
N MET A 515 10.86 -3.74 -2.64
CA MET A 515 9.56 -3.11 -2.88
C MET A 515 9.71 -1.74 -3.57
N VAL A 516 10.82 -1.02 -3.25
CA VAL A 516 11.24 0.26 -3.84
C VAL A 516 11.76 -0.05 -5.24
N GLN A 517 12.63 -1.10 -5.34
CA GLN A 517 13.25 -1.59 -6.56
C GLN A 517 12.23 -2.00 -7.59
N VAL A 518 11.13 -2.67 -7.17
CA VAL A 518 10.06 -3.11 -8.06
C VAL A 518 9.29 -1.89 -8.62
N ILE A 519 8.80 -0.96 -7.73
CA ILE A 519 8.08 0.26 -8.14
C ILE A 519 8.87 1.03 -9.21
N ASN A 520 10.20 1.15 -9.02
CA ASN A 520 11.08 1.87 -9.92
C ASN A 520 11.12 1.28 -11.33
N HIS A 521 11.42 -0.04 -11.46
CA HIS A 521 11.52 -0.74 -12.74
C HIS A 521 10.21 -0.74 -13.50
N ILE A 522 9.10 -1.21 -12.87
CA ILE A 522 7.75 -1.24 -13.47
C ILE A 522 7.30 0.19 -13.77
N GLY A 523 7.55 1.14 -12.85
CA GLY A 523 7.26 2.55 -13.03
C GLY A 523 7.89 3.07 -14.31
N HIS A 524 9.19 2.76 -14.51
CA HIS A 524 9.93 3.16 -15.69
C HIS A 524 9.43 2.43 -16.93
N VAL A 525 9.10 1.12 -16.82
CA VAL A 525 8.52 0.28 -17.89
C VAL A 525 7.18 0.91 -18.38
N MET A 526 6.36 1.41 -17.45
CA MET A 526 5.09 2.08 -17.75
C MET A 526 5.33 3.54 -18.19
N GLY A 527 6.60 3.92 -18.38
CA GLY A 527 7.04 5.24 -18.80
C GLY A 527 6.69 6.35 -17.82
N LYS A 528 6.94 6.10 -16.52
CA LYS A 528 6.63 7.05 -15.44
C LYS A 528 7.89 7.40 -14.66
N ARG A 529 8.08 8.68 -14.33
CA ARG A 529 9.23 9.13 -13.52
C ARG A 529 8.89 8.87 -12.04
N THR A 530 9.84 8.33 -11.25
CA THR A 530 9.59 7.99 -9.85
C THR A 530 10.09 9.05 -8.83
N ILE A 531 9.38 9.16 -7.71
CA ILE A 531 9.70 10.08 -6.61
C ILE A 531 9.70 9.22 -5.37
N ALA A 532 10.73 9.34 -4.52
CA ALA A 532 10.76 8.63 -3.24
C ALA A 532 10.38 9.62 -2.15
N GLU A 533 9.36 9.31 -1.37
CA GLU A 533 8.88 10.12 -0.24
C GLU A 533 9.78 9.79 0.99
N PHE A 534 9.67 10.55 2.11
CA PHE A 534 10.37 10.28 3.37
C PHE A 534 11.88 9.95 3.24
N VAL A 535 12.64 10.71 2.42
CA VAL A 535 14.10 10.53 2.24
C VAL A 535 14.76 11.36 3.36
N GLU A 536 14.80 10.78 4.58
CA GLU A 536 15.31 11.39 5.82
C GLU A 536 16.81 11.51 5.95
N THR A 537 17.58 10.58 5.34
CA THR A 537 19.04 10.57 5.42
C THR A 537 19.72 10.50 4.06
N VAL A 538 20.94 11.08 3.97
CA VAL A 538 21.79 11.08 2.77
C VAL A 538 22.02 9.61 2.36
N GLU A 539 22.25 8.74 3.36
CA GLU A 539 22.46 7.31 3.15
C GLU A 539 21.30 6.70 2.37
N VAL A 540 20.05 7.03 2.75
CA VAL A 540 18.81 6.59 2.06
C VAL A 540 18.83 7.13 0.63
N MET A 541 19.13 8.44 0.46
CA MET A 541 19.19 9.16 -0.82
C MET A 541 20.16 8.53 -1.81
N GLU A 542 21.34 8.15 -1.30
CA GLU A 542 22.37 7.51 -2.10
C GLU A 542 21.91 6.10 -2.51
N ALA A 543 21.13 5.42 -1.64
CA ALA A 543 20.60 4.08 -1.89
C ALA A 543 19.62 4.11 -3.06
N LEU A 544 18.69 5.11 -3.05
CA LEU A 544 17.69 5.37 -4.08
C LEU A 544 18.34 5.83 -5.40
N ARG A 545 19.43 6.66 -5.31
CA ARG A 545 20.17 7.13 -6.49
C ARG A 545 20.76 5.93 -7.23
N GLU A 546 21.36 4.99 -6.48
CA GLU A 546 21.97 3.75 -6.95
C GLU A 546 20.92 2.88 -7.65
N ILE A 547 19.70 2.78 -7.06
CA ILE A 547 18.56 2.02 -7.60
C ILE A 547 18.10 2.64 -8.94
N GLY A 548 18.23 3.96 -9.06
CA GLY A 548 17.82 4.69 -10.26
C GLY A 548 16.50 5.45 -10.14
N ILE A 549 16.11 5.81 -8.88
CA ILE A 549 14.91 6.60 -8.55
C ILE A 549 15.14 8.02 -9.15
N ASP A 550 14.11 8.62 -9.75
CA ASP A 550 14.29 9.92 -10.40
C ASP A 550 14.36 11.11 -9.47
N TYR A 551 13.47 11.17 -8.46
CA TYR A 551 13.42 12.30 -7.55
C TYR A 551 13.32 11.86 -6.11
N ALA A 552 13.86 12.68 -5.20
CA ALA A 552 13.83 12.41 -3.77
C ALA A 552 13.16 13.57 -3.06
N GLN A 553 12.29 13.24 -2.11
CA GLN A 553 11.57 14.18 -1.26
C GLN A 553 11.73 13.69 0.18
N GLY A 554 12.08 14.61 1.09
CA GLY A 554 12.26 14.26 2.50
C GLY A 554 13.02 15.28 3.29
N LEU A 555 13.28 14.98 4.58
CA LEU A 555 14.00 15.88 5.48
C LEU A 555 15.47 16.12 5.11
N ALA A 556 16.13 15.12 4.48
CA ALA A 556 17.52 15.25 4.03
C ALA A 556 17.60 16.19 2.83
N ILE A 557 16.50 16.24 2.00
CA ILE A 557 16.35 17.10 0.82
C ILE A 557 16.00 18.53 1.27
N GLY A 558 14.85 18.66 1.91
CA GLY A 558 14.35 19.93 2.41
C GLY A 558 13.02 19.75 3.11
N ALA A 559 12.89 20.43 4.25
CA ALA A 559 11.69 20.39 5.10
C ALA A 559 10.66 21.40 4.60
N PRO A 560 9.36 21.24 4.94
CA PRO A 560 8.37 22.24 4.50
C PRO A 560 8.64 23.64 5.09
N LEU A 561 8.72 24.64 4.21
CA LEU A 561 8.95 26.06 4.56
C LEU A 561 7.71 26.86 4.07
N PRO A 562 7.41 28.07 4.61
CA PRO A 562 6.21 28.79 4.14
C PRO A 562 6.23 29.17 2.66
N PHE A 563 5.10 28.98 1.99
CA PHE A 563 4.97 29.31 0.57
C PHE A 563 4.07 30.53 0.50
N SER A 564 2.82 30.39 1.00
CA SER A 564 1.84 31.46 1.09
C SER A 564 2.21 32.45 2.22
N ARG A 565 1.41 33.53 2.37
CA ARG A 565 1.61 34.54 3.42
C ARG A 565 0.56 34.45 4.53
#